data_3DBF
#
_entry.id   3DBF
#
_cell.length_a   135.204
_cell.length_b   135.204
_cell.length_c   135.204
_cell.angle_alpha   90.00
_cell.angle_beta   90.00
_cell.angle_gamma   90.00
#
_symmetry.space_group_name_H-M   'I 2 3'
#
loop_
_entity.id
_entity.type
_entity.pdbx_description
1 polymer 'Polo-like kinase'
2 non-polymer '4-({1-[3-(3-amino-3-oxopropyl)-5-chlorophenyl]-3-methyl-1H-pyrazolo[4,3-c]pyridin-6-yl}amino)-3-methoxy-N-(1-methylpipe ridin-4-yl)benzamide'
3 water water
#
_entity_poly.entity_id   1
_entity_poly.type   'polypeptide(L)'
_entity_poly.pdbx_seq_one_letter_code
;GPLGSDPKSAPLKEIPDVLVDPRTMKRYMRGRFLGKGGFAKCYEITDMDTKEVFAGKVVPKSMLLKPHQKEKMSTEIAIH
KSLDNPHVVGFHGFFEDDDFVYVVLEICRRRSLLELHKRRKAVTEPEARYFMRQTIQGVQYLHNNRVIHRDLKLGNLFLN
DDMDVKIGDFGLATKIEFDGERKKDLCGTPNYIAPEVLCKKGHSFEVDIWSLGCILYTLLVGKPPFETSCLKETYIRIKK
NEYSVPRHINPVASALIRRMLHADPTLRPSVAELLTDEFFTSGYAPMRLPTSCLTVPPRFS
;
_entity_poly.pdbx_strand_id   A
#
loop_
_chem_comp.id
_chem_comp.type
_chem_comp.name
_chem_comp.formula
5FR non-polymer '4-({1-[3-(3-amino-3-oxopropyl)-5-chlorophenyl]-3-methyl-1H-pyrazolo[4,3-c]pyridin-6-yl}amino)-3-methoxy-N-(1-methylpipe ridin-4-yl)benzamide' 'C30 H34 Cl N7 O3'
#
# COMPACT_ATOMS: atom_id res chain seq x y z
N LYS A 13 -2.01 -3.14 29.03
CA LYS A 13 -0.91 -2.31 29.61
C LYS A 13 -0.77 -0.97 28.88
N GLU A 14 -0.60 0.09 29.66
CA GLU A 14 -0.48 1.46 29.14
C GLU A 14 0.69 1.64 28.18
N ILE A 15 0.42 2.31 27.05
CA ILE A 15 1.44 2.73 26.12
C ILE A 15 1.90 4.13 26.54
N PRO A 16 3.23 4.33 26.74
CA PRO A 16 3.76 5.57 27.28
C PRO A 16 3.31 6.81 26.51
N ASP A 17 3.06 7.90 27.24
CA ASP A 17 2.64 9.16 26.65
C ASP A 17 3.76 9.81 25.84
N VAL A 18 5.01 9.55 26.25
CA VAL A 18 6.19 9.95 25.51
C VAL A 18 6.96 8.70 25.10
N LEU A 19 7.60 8.75 23.93
CA LEU A 19 8.34 7.60 23.42
C LEU A 19 9.80 7.94 23.14
N VAL A 20 10.69 7.32 23.91
CA VAL A 20 12.13 7.53 23.80
C VAL A 20 12.86 6.24 23.45
N ASP A 21 14.07 6.38 22.92
CA ASP A 21 14.89 5.21 22.56
C ASP A 21 16.36 5.35 22.96
N PRO A 22 16.98 4.24 23.39
CA PRO A 22 18.41 4.21 23.72
C PRO A 22 19.33 4.63 22.56
N ARG A 23 18.85 4.48 21.32
CA ARG A 23 19.63 4.82 20.13
C ARG A 23 19.65 6.33 19.84
N THR A 24 18.66 6.82 19.10
CA THR A 24 18.64 8.21 18.62
C THR A 24 18.48 9.24 19.76
N MET A 25 17.99 8.77 20.91
CA MET A 25 17.68 9.61 22.08
C MET A 25 16.75 10.80 21.81
N LYS A 26 15.83 10.61 20.86
CA LYS A 26 14.80 11.59 20.57
C LYS A 26 13.51 11.22 21.30
N ARG A 27 12.74 12.23 21.69
CA ARG A 27 11.48 12.04 22.42
C ARG A 27 10.25 12.23 21.53
N TYR A 28 9.36 11.24 21.52
CA TYR A 28 8.14 11.28 20.72
C TYR A 28 6.87 11.33 21.57
N MET A 29 6.12 12.41 21.42
CA MET A 29 4.85 12.59 22.14
C MET A 29 3.72 11.80 21.47
N ARG A 30 3.16 10.84 22.20
CA ARG A 30 2.06 10.02 21.72
C ARG A 30 0.78 10.86 21.58
N GLY A 31 0.40 11.13 20.32
CA GLY A 31 -0.78 11.92 20.03
C GLY A 31 -1.99 11.08 19.66
N ARG A 32 -2.75 11.54 18.67
CA ARG A 32 -4.06 10.95 18.35
C ARG A 32 -3.99 9.57 17.71
N PHE A 33 -4.93 8.71 18.10
CA PHE A 33 -5.08 7.36 17.55
C PHE A 33 -5.48 7.41 16.08
N LEU A 34 -4.86 6.56 15.27
CA LEU A 34 -5.08 6.58 13.82
C LEU A 34 -5.73 5.31 13.30
N GLY A 35 -5.49 4.19 13.98
CA GLY A 35 -6.13 2.94 13.58
C GLY A 35 -5.37 1.69 13.96
N LYS A 36 -6.01 0.54 13.71
CA LYS A 36 -5.47 -0.76 14.06
C LYS A 36 -5.03 -1.49 12.79
N GLY A 37 -4.25 -2.56 12.98
CA GLY A 37 -3.77 -3.39 11.86
C GLY A 37 -3.23 -4.71 12.38
N GLY A 38 -4.15 -5.64 12.65
CA GLY A 38 -3.79 -6.91 13.28
C GLY A 38 -3.48 -6.70 14.76
N PHE A 39 -2.22 -6.92 15.13
CA PHE A 39 -1.76 -6.69 16.49
C PHE A 39 -1.17 -5.28 16.67
N ALA A 40 -1.07 -4.54 15.56
CA ALA A 40 -0.44 -3.23 15.56
C ALA A 40 -1.45 -2.09 15.69
N LYS A 41 -1.05 -1.04 16.41
CA LYS A 41 -1.86 0.16 16.59
C LYS A 41 -1.03 1.36 16.14
N CYS A 42 -1.67 2.32 15.48
CA CYS A 42 -0.96 3.51 15.01
C CYS A 42 -1.39 4.79 15.69
N TYR A 43 -0.40 5.60 16.03
CA TYR A 43 -0.64 6.90 16.64
C TYR A 43 0.17 7.97 15.91
N GLU A 44 -0.41 9.15 15.77
CA GLU A 44 0.32 10.32 15.33
C GLU A 44 1.33 10.62 16.44
N ILE A 45 2.61 10.47 16.12
CA ILE A 45 3.69 10.80 17.09
C ILE A 45 4.50 12.00 16.63
N THR A 46 4.73 12.93 17.54
CA THR A 46 5.46 14.16 17.24
C THR A 46 6.85 14.11 17.89
N ASP A 47 7.86 14.54 17.13
CA ASP A 47 9.21 14.70 17.67
C ASP A 47 9.23 15.93 18.55
N MET A 48 9.59 15.74 19.83
CA MET A 48 9.44 16.79 20.85
C MET A 48 10.44 17.93 20.71
N ASP A 49 11.44 17.74 19.85
CA ASP A 49 12.44 18.77 19.61
C ASP A 49 12.23 19.47 18.26
N THR A 50 12.07 18.68 17.19
CA THR A 50 11.92 19.22 15.85
C THR A 50 10.49 19.58 15.49
N LYS A 51 9.53 19.01 16.24
CA LYS A 51 8.10 19.18 15.98
C LYS A 51 7.65 18.51 14.68
N GLU A 52 8.51 17.63 14.14
CA GLU A 52 8.19 16.85 12.96
C GLU A 52 7.29 15.69 13.33
N VAL A 53 6.25 15.48 12.53
CA VAL A 53 5.20 14.51 12.85
C VAL A 53 5.37 13.22 12.05
N PHE A 54 5.11 12.10 12.71
CA PHE A 54 5.30 10.78 12.10
C PHE A 54 4.16 9.82 12.46
N ALA A 55 4.02 8.77 11.65
CA ALA A 55 3.09 7.69 11.93
C ALA A 55 3.80 6.57 12.68
N GLY A 56 3.42 6.37 13.94
CA GLY A 56 4.11 5.40 14.79
C GLY A 56 3.37 4.09 14.99
N LYS A 57 3.89 3.02 14.38
CA LYS A 57 3.40 1.67 14.62
C LYS A 57 3.89 1.18 15.98
N VAL A 58 2.95 0.79 16.84
CA VAL A 58 3.26 0.29 18.17
C VAL A 58 2.77 -1.14 18.32
N VAL A 59 3.72 -2.07 18.44
CA VAL A 59 3.39 -3.49 18.61
C VAL A 59 3.87 -3.98 19.99
N PRO A 60 2.98 -4.61 20.77
CA PRO A 60 3.40 -5.14 22.07
C PRO A 60 4.21 -6.43 21.94
N LYS A 61 5.18 -6.61 22.85
CA LYS A 61 5.98 -7.84 22.91
C LYS A 61 5.16 -9.03 23.35
N SER A 62 3.98 -8.76 23.91
CA SER A 62 3.03 -9.80 24.30
C SER A 62 2.42 -10.48 23.08
N MET A 63 2.40 -9.76 21.96
CA MET A 63 2.03 -10.34 20.68
C MET A 63 3.28 -10.90 19.98
N LEU A 64 4.46 -10.50 20.47
CA LEU A 64 5.74 -10.98 19.94
C LEU A 64 6.52 -11.87 20.93
N LEU A 65 5.80 -12.60 21.78
CA LEU A 65 6.42 -13.53 22.71
C LEU A 65 7.01 -14.75 21.99
N LYS A 66 6.41 -15.08 20.83
CA LYS A 66 6.87 -16.19 20.00
C LYS A 66 8.08 -15.77 19.15
N PRO A 67 9.11 -16.65 19.07
CA PRO A 67 10.27 -16.44 18.18
C PRO A 67 9.92 -16.46 16.69
N HIS A 68 8.85 -17.14 16.32
CA HIS A 68 8.40 -17.25 14.92
C HIS A 68 7.86 -15.92 14.36
N GLN A 69 6.92 -15.32 15.09
CA GLN A 69 6.31 -14.04 14.71
C GLN A 69 7.33 -12.91 14.80
N LYS A 70 8.23 -13.01 15.78
CA LYS A 70 9.28 -12.01 16.01
C LYS A 70 10.22 -11.87 14.81
N GLU A 71 10.27 -12.92 13.98
CA GLU A 71 11.04 -12.89 12.75
C GLU A 71 10.31 -12.04 11.71
N LYS A 72 9.01 -12.28 11.56
CA LYS A 72 8.20 -11.57 10.56
C LYS A 72 8.39 -10.07 10.62
N MET A 73 8.39 -9.52 11.84
CA MET A 73 8.53 -8.08 12.02
C MET A 73 9.97 -7.60 11.78
N SER A 74 10.95 -8.40 12.18
CA SER A 74 12.36 -8.06 11.95
C SER A 74 12.78 -8.24 10.48
N THR A 75 12.02 -9.06 9.74
CA THR A 75 12.18 -9.18 8.29
C THR A 75 11.61 -7.94 7.60
N GLU A 76 10.39 -7.56 8.01
CA GLU A 76 9.70 -6.39 7.49
C GLU A 76 10.49 -5.11 7.72
N ILE A 77 11.01 -4.94 8.94
CA ILE A 77 11.80 -3.76 9.27
C ILE A 77 13.06 -3.67 8.41
N ALA A 78 13.79 -4.78 8.35
CA ALA A 78 15.03 -4.86 7.57
C ALA A 78 14.81 -4.42 6.12
N ILE A 79 13.67 -4.80 5.55
CA ILE A 79 13.34 -4.45 4.17
C ILE A 79 12.90 -2.99 4.05
N HIS A 80 12.06 -2.52 4.96
CA HIS A 80 11.55 -1.14 4.92
C HIS A 80 12.69 -0.13 5.16
N LYS A 81 13.58 -0.46 6.08
CA LYS A 81 14.72 0.40 6.43
C LYS A 81 15.59 0.71 5.23
N SER A 82 15.78 -0.28 4.35
CA SER A 82 16.67 -0.14 3.19
C SER A 82 16.07 0.70 2.07
N LEU A 83 14.81 1.08 2.23
CA LEU A 83 14.09 1.77 1.16
C LEU A 83 14.14 3.29 1.28
N ASP A 84 14.19 3.93 0.11
CA ASP A 84 14.15 5.37 0.00
C ASP A 84 13.70 5.72 -1.42
N ASN A 85 12.44 6.08 -1.55
CA ASN A 85 11.84 6.47 -2.83
C ASN A 85 10.62 7.34 -2.58
N PRO A 86 10.41 8.37 -3.42
CA PRO A 86 9.26 9.28 -3.26
C PRO A 86 7.87 8.63 -3.41
N HIS A 87 7.80 7.31 -3.50
CA HIS A 87 6.53 6.58 -3.67
C HIS A 87 6.42 5.39 -2.73
N VAL A 88 7.36 5.30 -1.81
CA VAL A 88 7.33 4.30 -0.77
C VAL A 88 7.29 5.05 0.55
N VAL A 89 6.53 4.52 1.51
CA VAL A 89 6.47 5.09 2.85
C VAL A 89 7.88 5.23 3.43
N GLY A 90 8.22 6.46 3.81
CA GLY A 90 9.53 6.75 4.36
C GLY A 90 9.76 6.03 5.67
N PHE A 91 10.83 5.24 5.74
CA PHE A 91 11.24 4.62 6.99
C PHE A 91 12.11 5.58 7.76
N HIS A 92 11.83 5.73 9.06
CA HIS A 92 12.50 6.72 9.87
C HIS A 92 12.95 6.23 11.25
N GLY A 93 13.41 4.99 11.29
CA GLY A 93 14.01 4.43 12.52
C GLY A 93 13.04 3.66 13.39
N PHE A 94 13.51 2.54 13.93
CA PHE A 94 12.71 1.76 14.86
C PHE A 94 13.45 1.55 16.18
N PHE A 95 12.71 1.17 17.21
CA PHE A 95 13.27 0.87 18.53
C PHE A 95 12.32 0.04 19.38
N GLU A 96 12.71 -0.22 20.63
CA GLU A 96 11.89 -1.03 21.54
C GLU A 96 12.18 -0.75 23.02
N ASP A 97 11.16 -0.91 23.85
CA ASP A 97 11.35 -1.03 25.29
C ASP A 97 10.93 -2.43 25.73
N ASP A 98 10.89 -2.65 27.05
CA ASP A 98 10.56 -3.97 27.61
C ASP A 98 9.19 -4.48 27.17
N ASP A 99 8.23 -3.55 27.05
CA ASP A 99 6.84 -3.90 26.74
C ASP A 99 6.47 -3.87 25.25
N PHE A 100 6.81 -2.77 24.57
CA PHE A 100 6.38 -2.55 23.19
C PHE A 100 7.53 -2.37 22.20
N VAL A 101 7.27 -2.73 20.94
CA VAL A 101 8.18 -2.47 19.82
C VAL A 101 7.60 -1.35 18.96
N TYR A 102 8.43 -0.35 18.68
CA TYR A 102 7.98 0.85 17.99
C TYR A 102 8.59 0.97 16.61
N VAL A 103 7.77 1.36 15.63
CA VAL A 103 8.23 1.65 14.27
C VAL A 103 7.78 3.07 13.86
N VAL A 104 8.74 3.91 13.52
CA VAL A 104 8.46 5.30 13.13
C VAL A 104 8.43 5.42 11.60
N LEU A 105 7.36 6.01 11.08
CA LEU A 105 7.13 6.06 9.64
C LEU A 105 6.57 7.39 9.14
N GLU A 106 6.51 7.53 7.81
CA GLU A 106 5.98 8.73 7.15
C GLU A 106 4.48 8.88 7.42
N ILE A 107 4.08 10.10 7.78
CA ILE A 107 2.66 10.39 8.04
C ILE A 107 1.92 10.72 6.73
N CYS A 108 0.84 9.98 6.50
CA CYS A 108 0.00 10.18 5.31
C CYS A 108 -1.41 10.58 5.74
N ARG A 109 -1.64 11.89 5.75
CA ARG A 109 -2.81 12.45 6.42
C ARG A 109 -4.14 12.27 5.68
N ARG A 110 -4.09 11.64 4.52
CA ARG A 110 -5.28 11.43 3.72
C ARG A 110 -5.67 9.96 3.63
N ARG A 111 -5.38 9.23 4.71
CA ARG A 111 -5.70 7.80 4.81
C ARG A 111 -5.25 7.04 3.54
N SER A 112 -5.99 6.02 3.12
CA SER A 112 -5.53 5.19 1.99
C SER A 112 -6.47 5.20 0.79
N LEU A 113 -6.04 4.54 -0.28
CA LEU A 113 -6.81 4.43 -1.51
C LEU A 113 -8.04 3.52 -1.30
N LEU A 114 -8.07 2.83 -0.17
CA LEU A 114 -9.25 2.06 0.21
C LEU A 114 -10.40 2.98 0.58
N GLU A 115 -10.17 3.85 1.55
CA GLU A 115 -11.17 4.81 1.99
C GLU A 115 -11.69 5.60 0.80
N LEU A 116 -10.79 5.95 -0.12
CA LEU A 116 -11.21 6.67 -1.32
C LEU A 116 -12.18 5.81 -2.13
N HIS A 117 -11.79 4.58 -2.41
CA HIS A 117 -12.64 3.63 -3.15
C HIS A 117 -14.03 3.46 -2.52
N LYS A 118 -14.07 3.21 -1.22
CA LYS A 118 -15.33 3.02 -0.49
C LYS A 118 -16.26 4.22 -0.62
N ARG A 119 -15.68 5.41 -0.68
CA ARG A 119 -16.43 6.67 -0.70
C ARG A 119 -16.76 7.12 -2.11
N ARG A 120 -16.00 6.60 -3.09
CA ARG A 120 -16.12 7.05 -4.48
C ARG A 120 -16.74 6.00 -5.40
N LYS A 121 -16.55 4.73 -5.06
CA LYS A 121 -16.82 3.61 -5.96
C LYS A 121 -15.93 3.71 -7.20
N ALA A 122 -16.50 3.67 -8.38
CA ALA A 122 -15.70 3.72 -9.60
C ALA A 122 -15.19 5.13 -9.82
N VAL A 123 -13.87 5.27 -9.86
CA VAL A 123 -13.23 6.55 -10.18
C VAL A 123 -13.27 6.79 -11.68
N THR A 124 -13.02 8.03 -12.08
CA THR A 124 -12.91 8.36 -13.50
C THR A 124 -11.59 7.80 -14.03
N GLU A 125 -11.55 7.59 -15.35
CA GLU A 125 -10.39 7.01 -16.00
C GLU A 125 -9.09 7.81 -15.78
N PRO A 126 -9.11 9.15 -15.94
CA PRO A 126 -7.87 9.90 -15.70
C PRO A 126 -7.35 9.80 -14.25
N GLU A 127 -8.25 9.59 -13.30
CA GLU A 127 -7.86 9.39 -11.90
C GLU A 127 -7.09 8.08 -11.74
N ALA A 128 -7.63 7.00 -12.28
CA ALA A 128 -7.00 5.70 -12.16
C ALA A 128 -5.65 5.64 -12.89
N ARG A 129 -5.54 6.32 -14.03
CA ARG A 129 -4.25 6.50 -14.70
C ARG A 129 -3.20 7.10 -13.76
N TYR A 130 -3.59 8.20 -13.11
CA TYR A 130 -2.74 8.89 -12.13
C TYR A 130 -2.35 7.99 -10.97
N PHE A 131 -3.35 7.38 -10.34
CA PHE A 131 -3.12 6.52 -9.17
C PHE A 131 -2.27 5.31 -9.54
N MET A 132 -2.60 4.71 -10.68
CA MET A 132 -1.81 3.58 -11.17
C MET A 132 -0.36 3.98 -11.42
N ARG A 133 -0.15 5.01 -12.25
CA ARG A 133 1.20 5.50 -12.56
C ARG A 133 2.06 5.64 -11.30
N GLN A 134 1.64 6.51 -10.38
CA GLN A 134 2.37 6.72 -9.13
C GLN A 134 2.62 5.41 -8.36
N THR A 135 1.62 4.54 -8.36
CA THR A 135 1.73 3.26 -7.67
C THR A 135 2.77 2.37 -8.36
N ILE A 136 2.63 2.24 -9.69
CA ILE A 136 3.50 1.37 -10.50
C ILE A 136 4.96 1.79 -10.40
N GLN A 137 5.19 3.11 -10.36
CA GLN A 137 6.55 3.65 -10.25
C GLN A 137 7.25 3.20 -8.98
N GLY A 138 6.50 3.14 -7.88
CA GLY A 138 7.01 2.64 -6.61
C GLY A 138 7.26 1.15 -6.66
N VAL A 139 6.42 0.44 -7.39
CA VAL A 139 6.57 -1.01 -7.56
C VAL A 139 7.81 -1.29 -8.42
N GLN A 140 8.12 -0.37 -9.32
CA GLN A 140 9.35 -0.46 -10.11
C GLN A 140 10.57 -0.36 -9.21
N TYR A 141 10.61 0.70 -8.40
CA TYR A 141 11.66 0.86 -7.42
C TYR A 141 11.86 -0.43 -6.64
N LEU A 142 10.78 -0.93 -6.01
CA LEU A 142 10.81 -2.20 -5.27
C LEU A 142 11.43 -3.31 -6.09
N HIS A 143 10.90 -3.51 -7.30
CA HIS A 143 11.34 -4.59 -8.18
C HIS A 143 12.78 -4.45 -8.66
N ASN A 144 13.20 -3.22 -8.95
CA ASN A 144 14.60 -2.93 -9.28
C ASN A 144 15.55 -3.32 -8.15
N ASN A 145 15.11 -3.14 -6.91
CA ASN A 145 15.92 -3.44 -5.73
C ASN A 145 15.70 -4.85 -5.19
N ARG A 146 15.23 -5.75 -6.05
CA ARG A 146 15.06 -7.18 -5.72
C ARG A 146 13.98 -7.43 -4.65
N VAL A 147 13.03 -6.50 -4.52
CA VAL A 147 11.96 -6.60 -3.54
C VAL A 147 10.59 -6.91 -4.17
N ILE A 148 9.96 -7.99 -3.68
CA ILE A 148 8.58 -8.31 -4.01
C ILE A 148 7.71 -7.96 -2.81
N HIS A 149 6.64 -7.21 -3.05
CA HIS A 149 5.76 -6.74 -1.97
C HIS A 149 4.83 -7.83 -1.45
N ARG A 150 4.30 -8.62 -2.38
CA ARG A 150 3.47 -9.80 -2.07
C ARG A 150 2.08 -9.51 -1.46
N ASP A 151 1.87 -8.30 -0.95
CA ASP A 151 0.57 -7.94 -0.38
C ASP A 151 0.11 -6.53 -0.76
N LEU A 152 0.12 -6.23 -2.06
CA LEU A 152 -0.30 -4.93 -2.56
C LEU A 152 -1.82 -4.82 -2.59
N LYS A 153 -2.35 -3.84 -1.87
CA LYS A 153 -3.79 -3.57 -1.86
C LYS A 153 -4.08 -2.08 -1.65
N LEU A 154 -5.35 -1.70 -1.79
CA LEU A 154 -5.78 -0.32 -1.63
C LEU A 154 -5.48 0.19 -0.23
N GLY A 155 -5.63 -0.69 0.76
CA GLY A 155 -5.28 -0.35 2.14
C GLY A 155 -3.81 -0.07 2.34
N ASN A 156 -2.99 -0.50 1.38
CA ASN A 156 -1.54 -0.33 1.42
C ASN A 156 -1.03 0.85 0.61
N LEU A 157 -1.90 1.42 -0.23
CA LEU A 157 -1.54 2.58 -1.02
C LEU A 157 -1.98 3.84 -0.28
N PHE A 158 -1.05 4.38 0.50
CA PHE A 158 -1.32 5.51 1.38
C PHE A 158 -1.32 6.82 0.62
N LEU A 159 -2.17 7.76 1.07
CA LEU A 159 -2.27 9.08 0.44
C LEU A 159 -1.94 10.19 1.41
N ASN A 160 -1.17 11.17 0.92
CA ASN A 160 -0.78 12.33 1.73
C ASN A 160 -1.51 13.60 1.25
N ASP A 161 -1.27 14.72 1.94
CA ASP A 161 -1.97 15.97 1.65
C ASP A 161 -1.82 16.46 0.20
N ASP A 162 -0.82 15.92 -0.51
CA ASP A 162 -0.59 16.23 -1.92
C ASP A 162 -1.17 15.17 -2.87
N MET A 163 -2.02 14.31 -2.31
CA MET A 163 -2.61 13.18 -3.05
C MET A 163 -1.58 12.26 -3.70
N ASP A 164 -0.37 12.25 -3.15
CA ASP A 164 0.70 11.38 -3.63
C ASP A 164 0.55 9.97 -3.05
N VAL A 165 0.56 8.97 -3.93
CA VAL A 165 0.52 7.58 -3.51
C VAL A 165 1.88 7.16 -2.93
N LYS A 166 1.85 6.64 -1.70
CA LYS A 166 3.06 6.13 -1.05
C LYS A 166 2.83 4.72 -0.54
N ILE A 167 3.50 3.76 -1.18
CA ILE A 167 3.36 2.35 -0.83
C ILE A 167 3.95 2.06 0.54
N GLY A 168 3.16 1.44 1.41
CA GLY A 168 3.63 1.00 2.72
C GLY A 168 3.34 -0.47 2.96
N ASP A 169 3.49 -0.88 4.22
CA ASP A 169 3.16 -2.23 4.69
C ASP A 169 3.92 -3.36 3.99
N PHE A 170 5.05 -3.76 4.58
CA PHE A 170 5.89 -4.81 4.01
C PHE A 170 5.87 -6.10 4.84
N GLY A 171 4.79 -6.30 5.60
CA GLY A 171 4.63 -7.45 6.47
C GLY A 171 4.81 -8.79 5.79
N LEU A 172 4.52 -8.84 4.49
CA LEU A 172 4.65 -10.08 3.70
C LEU A 172 5.61 -9.93 2.52
N ALA A 173 6.42 -8.87 2.55
CA ALA A 173 7.39 -8.60 1.49
C ALA A 173 8.68 -9.41 1.67
N THR A 174 9.32 -9.74 0.54
CA THR A 174 10.56 -10.50 0.53
C THR A 174 11.60 -9.88 -0.41
N LYS A 175 12.86 -10.31 -0.26
CA LYS A 175 13.95 -9.85 -1.12
C LYS A 175 14.61 -11.05 -1.81
N ILE A 176 15.14 -10.82 -3.01
CA ILE A 176 15.87 -11.87 -3.74
C ILE A 176 17.37 -11.56 -3.85
N HIS A 203 6.53 -18.69 -6.92
CA HIS A 203 6.12 -17.36 -7.38
C HIS A 203 7.26 -16.34 -7.26
N SER A 204 7.23 -15.32 -8.12
CA SER A 204 8.27 -14.29 -8.14
C SER A 204 7.70 -12.88 -8.17
N PHE A 205 8.17 -12.05 -9.10
CA PHE A 205 7.76 -10.64 -9.21
C PHE A 205 6.33 -10.47 -9.73
N GLU A 206 5.88 -11.43 -10.53
CA GLU A 206 4.61 -11.31 -11.23
C GLU A 206 3.35 -11.53 -10.36
N VAL A 207 3.53 -11.68 -9.04
CA VAL A 207 2.39 -11.66 -8.14
C VAL A 207 2.01 -10.22 -7.80
N ASP A 208 3.02 -9.36 -7.75
CA ASP A 208 2.81 -7.94 -7.53
C ASP A 208 2.12 -7.31 -8.73
N ILE A 209 2.41 -7.82 -9.92
CA ILE A 209 1.75 -7.37 -11.15
C ILE A 209 0.28 -7.77 -11.15
N TRP A 210 -0.03 -8.87 -10.47
CA TRP A 210 -1.40 -9.35 -10.33
C TRP A 210 -2.22 -8.47 -9.38
N SER A 211 -1.67 -8.23 -8.19
CA SER A 211 -2.29 -7.33 -7.22
C SER A 211 -2.65 -6.01 -7.90
N LEU A 212 -1.72 -5.51 -8.73
CA LEU A 212 -1.92 -4.26 -9.45
C LEU A 212 -3.09 -4.34 -10.44
N GLY A 213 -3.22 -5.48 -11.10
CA GLY A 213 -4.39 -5.73 -11.95
C GLY A 213 -5.70 -5.58 -11.18
N CYS A 214 -5.73 -6.16 -9.98
CA CYS A 214 -6.89 -6.08 -9.10
C CYS A 214 -7.22 -4.63 -8.77
N ILE A 215 -6.20 -3.90 -8.32
CA ILE A 215 -6.34 -2.50 -7.96
C ILE A 215 -6.92 -1.69 -9.13
N LEU A 216 -6.31 -1.84 -10.31
CA LEU A 216 -6.79 -1.16 -11.50
C LEU A 216 -8.24 -1.52 -11.84
N TYR A 217 -8.58 -2.79 -11.65
CA TYR A 217 -9.95 -3.26 -11.83
C TYR A 217 -10.88 -2.55 -10.85
N THR A 218 -10.56 -2.67 -9.56
CA THR A 218 -11.36 -2.10 -8.49
C THR A 218 -11.52 -0.59 -8.62
N LEU A 219 -10.47 0.08 -9.10
CA LEU A 219 -10.55 1.51 -9.32
C LEU A 219 -11.52 1.85 -10.43
N LEU A 220 -11.32 1.24 -11.60
CA LEU A 220 -12.14 1.54 -12.77
C LEU A 220 -13.59 1.05 -12.67
N VAL A 221 -13.79 -0.09 -12.01
CA VAL A 221 -15.10 -0.75 -11.96
C VAL A 221 -15.89 -0.43 -10.68
N GLY A 222 -15.20 -0.26 -9.56
CA GLY A 222 -15.85 0.10 -8.32
C GLY A 222 -16.16 -1.06 -7.38
N LYS A 223 -15.91 -2.28 -7.84
CA LYS A 223 -15.97 -3.47 -6.97
C LYS A 223 -14.80 -4.40 -7.26
N PRO A 224 -14.24 -5.04 -6.21
CA PRO A 224 -13.11 -5.95 -6.41
C PRO A 224 -13.47 -7.12 -7.31
N PRO A 225 -12.53 -7.57 -8.16
CA PRO A 225 -12.82 -8.56 -9.20
C PRO A 225 -13.14 -9.98 -8.70
N PHE A 226 -12.71 -10.32 -7.49
CA PHE A 226 -12.93 -11.65 -6.92
C PHE A 226 -13.64 -11.60 -5.57
N GLU A 227 -14.07 -10.41 -5.18
CA GLU A 227 -14.77 -10.18 -3.92
C GLU A 227 -16.09 -10.96 -3.83
N THR A 228 -16.24 -11.69 -2.72
CA THR A 228 -17.47 -12.41 -2.42
C THR A 228 -17.68 -12.40 -0.90
N SER A 229 -18.90 -12.71 -0.47
CA SER A 229 -19.24 -12.77 0.95
C SER A 229 -18.49 -13.92 1.65
N CYS A 230 -18.41 -15.06 0.98
CA CYS A 230 -17.74 -16.24 1.52
C CYS A 230 -16.25 -16.23 1.21
N LEU A 231 -15.43 -16.37 2.25
CA LEU A 231 -13.96 -16.33 2.14
C LEU A 231 -13.38 -17.48 1.29
N LYS A 232 -13.89 -18.69 1.48
CA LYS A 232 -13.45 -19.86 0.73
C LYS A 232 -13.77 -19.74 -0.77
N GLU A 233 -14.93 -19.16 -1.06
CA GLU A 233 -15.39 -18.92 -2.44
C GLU A 233 -14.40 -18.03 -3.20
N THR A 234 -13.92 -16.98 -2.54
CA THR A 234 -12.91 -16.08 -3.08
C THR A 234 -11.67 -16.85 -3.57
N TYR A 235 -11.17 -17.76 -2.73
CA TYR A 235 -10.00 -18.58 -3.08
C TYR A 235 -10.21 -19.44 -4.31
N ILE A 236 -11.43 -19.93 -4.50
CA ILE A 236 -11.79 -20.74 -5.66
C ILE A 236 -11.78 -19.88 -6.94
N ARG A 237 -12.40 -18.70 -6.85
CA ARG A 237 -12.45 -17.74 -7.95
C ARG A 237 -11.06 -17.43 -8.49
N ILE A 238 -10.12 -17.22 -7.58
CA ILE A 238 -8.72 -16.97 -7.93
C ILE A 238 -8.11 -18.17 -8.65
N LYS A 239 -8.23 -19.36 -8.06
CA LYS A 239 -7.69 -20.59 -8.63
C LYS A 239 -8.20 -20.86 -10.05
N LYS A 240 -9.51 -20.76 -10.24
CA LYS A 240 -10.12 -21.05 -11.53
C LYS A 240 -9.99 -19.87 -12.50
N ASN A 241 -9.51 -18.74 -11.98
CA ASN A 241 -9.38 -17.48 -12.73
C ASN A 241 -10.75 -16.94 -13.17
N GLU A 242 -11.71 -16.95 -12.23
CA GLU A 242 -13.09 -16.57 -12.50
C GLU A 242 -13.38 -15.08 -12.25
N TYR A 243 -13.44 -14.33 -13.35
CA TYR A 243 -13.81 -12.92 -13.34
C TYR A 243 -14.26 -12.53 -14.74
N SER A 244 -14.90 -11.37 -14.83
CA SER A 244 -15.24 -10.77 -16.12
C SER A 244 -15.31 -9.25 -15.99
N VAL A 245 -14.57 -8.54 -16.84
CA VAL A 245 -14.62 -7.09 -16.87
C VAL A 245 -15.89 -6.68 -17.62
N PRO A 246 -16.79 -5.95 -16.93
CA PRO A 246 -18.07 -5.55 -17.52
C PRO A 246 -17.92 -4.87 -18.89
N ARG A 247 -18.95 -5.01 -19.72
CA ARG A 247 -18.97 -4.46 -21.07
C ARG A 247 -18.73 -2.94 -21.09
N HIS A 248 -19.06 -2.29 -19.99
CA HIS A 248 -19.02 -0.82 -19.86
C HIS A 248 -17.62 -0.23 -19.80
N ILE A 249 -16.63 -1.05 -19.44
CA ILE A 249 -15.24 -0.61 -19.30
C ILE A 249 -14.53 -0.51 -20.66
N ASN A 250 -13.84 0.61 -20.87
CA ASN A 250 -13.00 0.86 -22.05
C ASN A 250 -12.20 -0.38 -22.48
N PRO A 251 -12.31 -0.76 -23.77
CA PRO A 251 -11.56 -1.89 -24.34
C PRO A 251 -10.07 -1.88 -24.02
N VAL A 252 -9.41 -0.73 -24.20
CA VAL A 252 -7.98 -0.58 -23.93
C VAL A 252 -7.67 -0.79 -22.45
N ALA A 253 -8.61 -0.40 -21.60
CA ALA A 253 -8.47 -0.56 -20.16
C ALA A 253 -8.65 -2.01 -19.76
N SER A 254 -9.70 -2.65 -20.29
CA SER A 254 -9.98 -4.07 -20.03
C SER A 254 -8.88 -4.98 -20.58
N ALA A 255 -8.21 -4.53 -21.64
CA ALA A 255 -7.06 -5.23 -22.20
C ALA A 255 -5.91 -5.29 -21.20
N LEU A 256 -5.46 -4.13 -20.72
CA LEU A 256 -4.38 -4.06 -19.77
C LEU A 256 -4.68 -4.85 -18.50
N ILE A 257 -5.94 -4.81 -18.07
CA ILE A 257 -6.40 -5.57 -16.91
C ILE A 257 -6.21 -7.07 -17.12
N ARG A 258 -6.69 -7.58 -18.24
CA ARG A 258 -6.68 -9.02 -18.52
C ARG A 258 -5.27 -9.61 -18.51
N ARG A 259 -4.32 -8.86 -19.07
CA ARG A 259 -2.92 -9.29 -19.16
C ARG A 259 -2.25 -9.24 -17.79
N MET A 260 -2.63 -8.25 -16.99
CA MET A 260 -2.12 -8.13 -15.63
C MET A 260 -2.70 -9.21 -14.74
N LEU A 261 -3.78 -9.84 -15.21
CA LEU A 261 -4.46 -10.88 -14.45
C LEU A 261 -4.31 -12.26 -15.09
N HIS A 262 -3.58 -12.32 -16.20
CA HIS A 262 -3.44 -13.56 -16.97
C HIS A 262 -3.09 -14.76 -16.11
N ALA A 263 -3.69 -15.91 -16.46
CA ALA A 263 -3.48 -17.18 -15.77
C ALA A 263 -2.01 -17.52 -15.66
N ASP A 264 -1.32 -17.52 -16.81
CA ASP A 264 0.12 -17.77 -16.87
C ASP A 264 0.88 -16.56 -16.37
N PRO A 265 1.56 -16.69 -15.21
CA PRO A 265 2.34 -15.61 -14.62
C PRO A 265 3.43 -15.07 -15.55
N THR A 266 3.95 -15.93 -16.43
CA THR A 266 5.03 -15.54 -17.34
C THR A 266 4.52 -14.72 -18.52
N LEU A 267 3.20 -14.63 -18.66
CA LEU A 267 2.60 -13.84 -19.73
C LEU A 267 2.06 -12.49 -19.23
N ARG A 268 2.25 -12.21 -17.95
CA ARG A 268 1.92 -10.93 -17.37
C ARG A 268 2.98 -9.90 -17.77
N PRO A 269 2.59 -8.62 -17.94
CA PRO A 269 3.57 -7.62 -18.34
C PRO A 269 4.52 -7.32 -17.18
N SER A 270 5.75 -6.98 -17.49
CA SER A 270 6.71 -6.55 -16.47
C SER A 270 6.45 -5.10 -16.08
N VAL A 271 6.86 -4.74 -14.88
CA VAL A 271 6.67 -3.40 -14.34
C VAL A 271 6.97 -2.32 -15.38
N ALA A 272 8.13 -2.43 -16.02
CA ALA A 272 8.56 -1.46 -17.02
C ALA A 272 7.61 -1.40 -18.22
N GLU A 273 7.00 -2.54 -18.54
CA GLU A 273 6.10 -2.63 -19.69
C GLU A 273 4.72 -2.01 -19.43
N LEU A 274 4.44 -1.67 -18.17
CA LEU A 274 3.13 -1.12 -17.79
C LEU A 274 2.92 0.34 -18.18
N LEU A 275 3.83 1.22 -17.77
CA LEU A 275 3.70 2.68 -18.02
C LEU A 275 3.59 3.01 -19.51
N THR A 276 4.22 2.19 -20.35
CA THR A 276 4.30 2.44 -21.79
C THR A 276 3.03 2.02 -22.50
N ASP A 277 2.18 1.25 -21.80
CA ASP A 277 0.94 0.72 -22.36
C ASP A 277 0.01 1.82 -22.87
N GLU A 278 -0.77 1.49 -23.89
CA GLU A 278 -1.71 2.43 -24.49
C GLU A 278 -2.59 3.12 -23.44
N PHE A 279 -3.03 2.37 -22.44
CA PHE A 279 -3.90 2.90 -21.38
C PHE A 279 -3.37 4.20 -20.74
N PHE A 280 -2.08 4.23 -20.41
CA PHE A 280 -1.49 5.42 -19.82
C PHE A 280 -1.21 6.52 -20.83
N THR A 281 -1.11 6.13 -22.11
CA THR A 281 -0.67 7.05 -23.16
C THR A 281 -1.76 7.45 -24.13
N SER A 282 -2.98 6.98 -23.90
CA SER A 282 -4.11 7.31 -24.80
C SER A 282 -4.85 8.54 -24.33
N GLY A 283 -5.67 8.39 -23.30
CA GLY A 283 -6.47 9.49 -22.76
C GLY A 283 -5.71 10.40 -21.81
N TYR A 284 -6.44 11.36 -21.24
CA TYR A 284 -5.85 12.38 -20.38
C TYR A 284 -5.23 11.78 -19.12
N ALA A 285 -4.03 12.25 -18.77
CA ALA A 285 -3.34 11.81 -17.58
C ALA A 285 -2.85 13.01 -16.78
N PRO A 286 -3.64 13.43 -15.77
CA PRO A 286 -3.31 14.57 -14.93
C PRO A 286 -2.07 14.33 -14.07
N MET A 287 -1.31 15.39 -13.82
CA MET A 287 -0.08 15.29 -13.02
C MET A 287 -0.34 15.46 -11.53
N ARG A 288 -1.41 16.16 -11.18
CA ARG A 288 -1.85 16.33 -9.80
C ARG A 288 -3.36 16.22 -9.63
N LEU A 289 -3.78 15.65 -8.51
CA LEU A 289 -5.21 15.55 -8.19
C LEU A 289 -5.55 16.40 -6.97
N PRO A 290 -6.71 17.09 -7.02
CA PRO A 290 -7.22 17.82 -5.87
C PRO A 290 -7.61 16.87 -4.76
N THR A 291 -7.65 17.38 -3.53
CA THR A 291 -8.13 16.63 -2.37
C THR A 291 -9.63 16.28 -2.45
N SER A 292 -10.35 16.98 -3.34
CA SER A 292 -11.78 16.76 -3.54
C SER A 292 -12.09 15.35 -4.05
N CYS A 293 -11.12 14.76 -4.74
CA CYS A 293 -11.23 13.41 -5.29
C CYS A 293 -11.51 12.37 -4.22
N LEU A 294 -11.31 12.75 -2.95
CA LEU A 294 -11.58 11.85 -1.84
C LEU A 294 -13.08 11.58 -1.67
N THR A 295 -13.91 12.50 -2.15
CA THR A 295 -15.35 12.41 -1.97
C THR A 295 -16.16 12.55 -3.27
N VAL A 296 -15.70 13.43 -4.16
CA VAL A 296 -16.41 13.70 -5.42
C VAL A 296 -15.47 13.69 -6.62
N PRO A 297 -15.99 13.33 -7.82
CA PRO A 297 -15.17 13.31 -9.04
C PRO A 297 -14.72 14.71 -9.47
N PRO A 298 -13.50 14.81 -10.03
CA PRO A 298 -12.92 16.08 -10.43
C PRO A 298 -13.51 16.59 -11.73
N ARG A 299 -13.53 17.91 -11.89
CA ARG A 299 -14.18 18.57 -13.02
C ARG A 299 -13.16 19.32 -13.85
C26 5FR B . 2.63 4.57 7.31
C17 5FR B . 1.25 4.36 7.86
C12 5FR B . 0.39 5.57 8.01
C13 5FR B . 0.61 6.92 7.73
C11 5FR B . -0.81 5.12 8.54
C10 5FR B . -1.82 6.06 8.78
C9 5FR B . -1.56 7.42 8.49
CL 5FR B . -1.31 -0.37 11.59
C61 5FR B . -1.98 0.95 10.58
C68 5FR B . -1.15 1.88 9.97
C62 5FR B . -3.34 1.04 10.38
C63 5FR B . -3.82 2.07 9.59
C69 5FR B . -5.09 2.15 9.43
C70 5FR B . -6.55 2.39 9.25
C71 5FR B . -7.55 3.28 9.51
O73 5FR B . -7.65 4.27 8.73
N72 5FR B . -8.38 3.10 10.52
C66 5FR B . -2.97 3.00 8.99
C67 5FR B . -1.57 2.95 9.17
N15 5FR B . -0.66 3.79 8.65
N16 5FR B . 0.58 3.28 8.28
N14 5FR B . -0.37 7.80 7.97
N8 5FR B . -2.49 8.41 8.69
C57 5FR B . -3.75 8.36 9.17
C56 5FR B . -4.38 7.18 9.58
C55 5FR B . -5.70 7.21 10.07
C52 5FR B . -4.45 9.56 9.27
O53 5FR B . -3.85 10.72 8.88
C54 5FR B . -3.32 11.57 9.90
C51 5FR B . -5.75 9.59 9.75
C50 5FR B . -6.39 8.43 10.16
C41 5FR B . -7.79 8.48 10.68
O40 5FR B . -8.38 9.57 10.63
N42 5FR B . -8.38 7.38 11.15
C43 5FR B . -9.74 7.33 11.65
C44 5FR B . -9.70 7.76 13.12
C49 5FR B . -11.07 7.51 13.76
N47 5FR B . -11.42 6.08 13.68
C48 5FR B . -12.75 5.89 14.28
C46 5FR B . -11.46 5.60 12.29
C45 5FR B . -10.13 5.86 11.58
#